data_4TWO
#
_entry.id   4TWO
#
_cell.length_a   53.221
_cell.length_b   38.068
_cell.length_c   75.310
_cell.angle_alpha   90.00
_cell.angle_beta   100.83
_cell.angle_gamma   90.00
#
_symmetry.space_group_name_H-M   'P 1 21 1'
#
loop_
_entity.id
_entity.type
_entity.pdbx_description
1 polymer 'Ephrin type-A receptor 3'
2 non-polymer '5-{[3-carbamoyl-4-(3,4-dimethylphenyl)-5-methylthiophen-2-yl]amino}-5-oxopentanoic acid'
3 water water
#
_entity_poly.entity_id   1
_entity_poly.type   'polypeptide(L)'
_entity_poly.pdbx_seq_one_letter_code
;MGSSHHHHHHSSGLVPRGSTQTVHEFAKELDATNISIDKVVGAGEFGEVCSGRLKLPSKKEISVAIKTLKVGYTEKQRRD
FLGEASIMGQFDHPNIIRLEGVVTKSKPVMIVTEYMENGSLDSFLRKHDAQFTVIQLVGMLRGIASGMKYLSDMGYVHRD
LAARNILINSNLVCKVSDFGLSRVLEDDPEAAYTTRGGKIPIRWTSPEAIAYRKFTSASDVWSYGIVLWEVMSYGERPYW
EMSNQDVIKAVDEGYRLPPPMDCPAALYQLMLDCWQKDRNNRPKFEQIVSILDKLIRNPGSLKIITSAAARPSNLLLDQS
NVDITTFRTTGDWLNGVWTAHCKEIFTGVEYSSCDTIAKIS
;
_entity_poly.pdbx_strand_id   A
#
# COMPACT_ATOMS: atom_id res chain seq x y z
N VAL A 23 -21.93 6.70 5.03
CA VAL A 23 -21.18 5.61 4.41
C VAL A 23 -21.85 5.20 3.11
N HIS A 24 -23.15 5.44 3.00
CA HIS A 24 -23.90 4.94 1.85
C HIS A 24 -23.84 5.86 0.64
N GLU A 25 -23.14 6.99 0.80
CA GLU A 25 -22.91 7.87 -0.34
C GLU A 25 -21.97 7.19 -1.34
N PHE A 26 -21.03 6.40 -0.83
CA PHE A 26 -20.05 5.74 -1.68
C PHE A 26 -19.99 4.23 -1.53
N ALA A 27 -20.86 3.66 -0.69
CA ALA A 27 -20.87 2.22 -0.47
C ALA A 27 -22.27 1.62 -0.60
N LYS A 28 -22.40 0.58 -1.42
CA LYS A 28 -23.67 -0.12 -1.52
C LYS A 28 -23.93 -0.90 -0.23
N GLU A 29 -25.15 -0.86 0.26
CA GLU A 29 -25.58 -1.77 1.31
C GLU A 29 -25.83 -3.15 0.70
N LEU A 30 -25.10 -4.17 1.16
CA LEU A 30 -25.29 -5.51 0.63
C LEU A 30 -26.30 -6.30 1.45
N ASP A 31 -26.95 -7.26 0.82
CA ASP A 31 -27.87 -8.15 1.52
C ASP A 31 -27.08 -9.34 2.08
N ALA A 32 -27.21 -9.62 3.37
CA ALA A 32 -26.38 -10.64 4.02
C ALA A 32 -26.66 -12.04 3.47
N THR A 33 -27.81 -12.24 2.86
CA THR A 33 -28.15 -13.54 2.30
C THR A 33 -27.26 -13.83 1.08
N ASN A 34 -26.66 -12.78 0.52
CA ASN A 34 -25.78 -12.94 -0.64
C ASN A 34 -24.31 -13.19 -0.27
N ILE A 35 -24.03 -13.23 1.02
CA ILE A 35 -22.67 -13.39 1.52
C ILE A 35 -22.48 -14.71 2.26
N SER A 36 -21.52 -15.52 1.82
CA SER A 36 -21.13 -16.70 2.58
C SER A 36 -19.76 -16.49 3.17
N ILE A 37 -19.60 -16.85 4.44
CA ILE A 37 -18.30 -16.77 5.10
C ILE A 37 -17.70 -18.17 5.16
N ASP A 38 -16.51 -18.32 4.60
CA ASP A 38 -15.97 -19.65 4.44
C ASP A 38 -14.80 -19.90 5.39
N LYS A 39 -14.14 -18.83 5.83
CA LYS A 39 -12.90 -18.96 6.58
C LYS A 39 -12.46 -17.67 7.28
N VAL A 40 -12.03 -17.78 8.54
CA VAL A 40 -11.37 -16.67 9.22
C VAL A 40 -9.90 -16.67 8.85
N VAL A 41 -9.43 -15.57 8.25
CA VAL A 41 -8.06 -15.53 7.73
C VAL A 41 -7.14 -14.63 8.56
N GLY A 42 -7.71 -13.93 9.53
CA GLY A 42 -6.88 -13.07 10.36
C GLY A 42 -7.64 -12.14 11.28
N ALA A 43 -6.89 -11.42 12.11
CA ALA A 43 -7.49 -10.51 13.07
C ALA A 43 -7.12 -9.07 12.75
N GLY A 44 -8.13 -8.21 12.64
CA GLY A 44 -7.92 -6.82 12.32
C GLY A 44 -8.09 -5.94 13.56
N GLU A 45 -7.92 -4.64 13.36
CA GLU A 45 -8.03 -3.69 14.45
C GLU A 45 -9.41 -3.72 15.10
N PHE A 46 -10.43 -3.90 14.26
CA PHE A 46 -11.82 -3.79 14.71
C PHE A 46 -12.56 -5.13 14.76
N GLY A 47 -11.89 -6.21 14.37
CA GLY A 47 -12.53 -7.51 14.36
C GLY A 47 -11.81 -8.52 13.49
N GLU A 48 -12.53 -9.52 13.02
CA GLU A 48 -11.92 -10.57 12.22
C GLU A 48 -11.86 -10.18 10.75
N VAL A 49 -10.91 -10.78 10.04
CA VAL A 49 -10.87 -10.70 8.60
C VAL A 49 -11.18 -12.10 8.06
N CYS A 50 -12.17 -12.19 7.19
CA CYS A 50 -12.61 -13.48 6.66
C CYS A 50 -12.55 -13.53 5.15
N SER A 51 -12.58 -14.75 4.61
CA SER A 51 -12.76 -14.91 3.18
C SER A 51 -14.10 -15.58 2.96
N GLY A 52 -14.64 -15.45 1.76
CA GLY A 52 -15.92 -16.04 1.47
C GLY A 52 -16.33 -15.69 0.06
N ARG A 53 -17.63 -15.65 -0.16
CA ARG A 53 -18.17 -15.42 -1.49
C ARG A 53 -19.31 -14.43 -1.44
N LEU A 54 -19.48 -13.71 -2.53
CA LEU A 54 -20.58 -12.74 -2.64
C LEU A 54 -21.34 -13.04 -3.92
N LYS A 55 -22.66 -13.20 -3.79
CA LYS A 55 -23.50 -13.35 -4.98
C LYS A 55 -23.96 -11.96 -5.42
N LEU A 56 -23.56 -11.56 -6.62
CA LEU A 56 -23.91 -10.26 -7.19
C LEU A 56 -25.36 -10.25 -7.71
N PRO A 57 -25.92 -9.04 -7.94
CA PRO A 57 -27.31 -8.96 -8.43
C PRO A 57 -27.54 -9.74 -9.73
N SER A 58 -26.52 -9.76 -10.59
CA SER A 58 -26.51 -10.56 -11.82
C SER A 58 -26.46 -12.09 -11.61
N LYS A 59 -26.41 -12.52 -10.34
CA LYS A 59 -26.21 -13.93 -9.89
C LYS A 59 -24.78 -14.46 -9.99
N LYS A 60 -23.89 -13.72 -10.62
CA LYS A 60 -22.50 -14.11 -10.63
C LYS A 60 -21.97 -14.16 -9.20
N GLU A 61 -21.10 -15.13 -8.92
CA GLU A 61 -20.51 -15.30 -7.60
C GLU A 61 -19.01 -15.00 -7.67
N ILE A 62 -18.53 -14.16 -6.76
CA ILE A 62 -17.10 -13.82 -6.74
C ILE A 62 -16.49 -14.11 -5.36
N SER A 63 -15.18 -14.35 -5.30
CA SER A 63 -14.51 -14.48 -4.02
C SER A 63 -14.38 -13.11 -3.41
N VAL A 64 -14.64 -13.02 -2.11
CA VAL A 64 -14.42 -11.75 -1.42
C VAL A 64 -13.69 -11.94 -0.12
N ALA A 65 -13.14 -10.84 0.37
CA ALA A 65 -12.66 -10.75 1.73
C ALA A 65 -13.65 -9.92 2.53
N ILE A 66 -13.81 -10.27 3.80
CA ILE A 66 -14.79 -9.64 4.66
C ILE A 66 -14.20 -9.22 6.00
N LYS A 67 -14.27 -7.94 6.31
CA LYS A 67 -13.93 -7.45 7.64
C LYS A 67 -15.20 -7.36 8.46
N THR A 68 -15.18 -7.95 9.66
CA THR A 68 -16.29 -7.82 10.58
C THR A 68 -15.97 -6.84 11.70
N LEU A 69 -17.00 -6.18 12.19
CA LEU A 69 -16.87 -5.31 13.34
C LEU A 69 -17.17 -6.14 14.58
N LYS A 70 -16.24 -6.13 15.53
CA LYS A 70 -16.35 -6.98 16.70
C LYS A 70 -17.64 -6.70 17.46
N VAL A 71 -18.19 -7.76 18.06
CA VAL A 71 -19.35 -7.62 18.92
C VAL A 71 -19.05 -6.67 20.08
N GLY A 72 -20.00 -5.81 20.42
CA GLY A 72 -19.83 -4.90 21.55
C GLY A 72 -19.11 -3.62 21.20
N TYR A 73 -19.05 -3.33 19.91
CA TYR A 73 -18.41 -2.12 19.42
C TYR A 73 -19.04 -0.86 20.01
N THR A 74 -18.21 0.15 20.24
CA THR A 74 -18.70 1.50 20.59
C THR A 74 -19.14 2.24 19.34
N GLU A 75 -19.93 3.30 19.51
CA GLU A 75 -20.35 4.10 18.37
C GLU A 75 -19.13 4.66 17.63
N LYS A 76 -18.09 5.00 18.38
CA LYS A 76 -16.86 5.51 17.78
C LYS A 76 -16.19 4.45 16.92
N GLN A 77 -16.09 3.22 17.43
CA GLN A 77 -15.50 2.15 16.65
C GLN A 77 -16.27 1.93 15.34
N ARG A 78 -17.58 2.08 15.39
CA ARG A 78 -18.39 1.91 14.20
C ARG A 78 -18.12 2.97 13.13
N ARG A 79 -17.98 4.23 13.54
CA ARG A 79 -17.75 5.31 12.58
C ARG A 79 -16.34 5.16 11.99
N ASP A 80 -15.37 4.83 12.85
CA ASP A 80 -14.01 4.63 12.39
C ASP A 80 -13.93 3.44 11.43
N PHE A 81 -14.60 2.35 11.78
CA PHE A 81 -14.59 1.14 10.97
C PHE A 81 -15.13 1.45 9.58
N LEU A 82 -16.36 1.95 9.54
CA LEU A 82 -17.05 2.23 8.29
C LEU A 82 -16.43 3.41 7.54
N GLY A 83 -15.62 4.21 8.22
CA GLY A 83 -14.94 5.32 7.59
C GLY A 83 -14.01 4.85 6.48
N GLU A 84 -13.35 3.72 6.73
CA GLU A 84 -12.51 3.11 5.73
C GLU A 84 -13.29 2.74 4.46
N ALA A 85 -14.53 2.32 4.64
CA ALA A 85 -15.37 1.96 3.50
C ALA A 85 -15.81 3.20 2.73
N SER A 86 -16.16 4.27 3.45
CA SER A 86 -16.55 5.51 2.79
C SER A 86 -15.43 6.03 1.90
N ILE A 87 -14.19 5.89 2.36
CA ILE A 87 -13.06 6.33 1.57
C ILE A 87 -12.79 5.39 0.39
N MET A 88 -12.72 4.09 0.70
CA MET A 88 -12.47 3.08 -0.31
C MET A 88 -13.50 3.16 -1.42
N GLY A 89 -14.74 3.40 -1.04
CA GLY A 89 -15.83 3.48 -1.98
C GLY A 89 -15.68 4.58 -3.03
N GLN A 90 -14.82 5.55 -2.78
CA GLN A 90 -14.64 6.66 -3.71
C GLN A 90 -13.72 6.33 -4.86
N PHE A 91 -12.97 5.23 -4.73
CA PHE A 91 -11.94 4.87 -5.69
C PHE A 91 -12.33 3.64 -6.50
N ASP A 92 -12.40 3.80 -7.81
CA ASP A 92 -12.66 2.69 -8.71
C ASP A 92 -11.48 2.58 -9.66
N HIS A 93 -10.58 1.65 -9.35
CA HIS A 93 -9.30 1.60 -10.02
C HIS A 93 -8.68 0.22 -9.86
N PRO A 94 -8.07 -0.30 -10.93
CA PRO A 94 -7.55 -1.68 -10.88
C PRO A 94 -6.46 -1.87 -9.82
N ASN A 95 -5.84 -0.79 -9.35
CA ASN A 95 -4.78 -0.95 -8.36
C ASN A 95 -5.15 -0.35 -7.01
N ILE A 96 -6.45 -0.20 -6.78
CA ILE A 96 -6.92 0.17 -5.45
C ILE A 96 -7.95 -0.87 -5.03
N ILE A 97 -7.83 -1.35 -3.78
CA ILE A 97 -8.67 -2.46 -3.30
C ILE A 97 -10.13 -2.11 -3.59
N ARG A 98 -10.85 -3.04 -4.22
CA ARG A 98 -12.21 -2.76 -4.65
C ARG A 98 -13.24 -3.04 -3.55
N LEU A 99 -14.02 -2.03 -3.19
CA LEU A 99 -15.12 -2.18 -2.24
C LEU A 99 -16.33 -2.77 -2.95
N GLU A 100 -16.82 -3.92 -2.49
CA GLU A 100 -18.05 -4.46 -3.05
C GLU A 100 -19.24 -3.86 -2.31
N GLY A 101 -19.07 -3.56 -1.02
CA GLY A 101 -20.15 -2.97 -0.25
C GLY A 101 -20.01 -3.16 1.23
N VAL A 102 -21.06 -2.79 1.96
CA VAL A 102 -21.09 -2.92 3.41
C VAL A 102 -22.39 -3.56 3.85
N VAL A 103 -22.38 -4.07 5.07
CA VAL A 103 -23.59 -4.55 5.73
C VAL A 103 -23.67 -3.82 7.07
N THR A 104 -24.71 -3.01 7.23
CA THR A 104 -24.92 -2.22 8.44
C THR A 104 -26.29 -2.47 9.04
N LYS A 105 -27.25 -2.84 8.20
CA LYS A 105 -28.63 -3.04 8.62
C LYS A 105 -28.85 -4.40 9.28
N SER A 106 -27.82 -5.22 9.29
CA SER A 106 -27.84 -6.44 10.09
C SER A 106 -26.48 -6.58 10.77
N LYS A 107 -26.36 -7.55 11.66
CA LYS A 107 -25.13 -7.76 12.41
C LYS A 107 -24.57 -9.16 12.14
N PRO A 108 -23.24 -9.33 12.23
CA PRO A 108 -22.24 -8.29 12.47
C PRO A 108 -22.11 -7.29 11.31
N VAL A 109 -21.63 -6.10 11.62
CA VAL A 109 -21.40 -5.08 10.60
C VAL A 109 -20.20 -5.49 9.75
N MET A 110 -20.31 -5.34 8.43
CA MET A 110 -19.26 -5.89 7.55
C MET A 110 -18.77 -4.91 6.48
N ILE A 111 -17.50 -5.08 6.12
CA ILE A 111 -16.94 -4.45 4.92
C ILE A 111 -16.50 -5.56 3.97
N VAL A 112 -16.99 -5.52 2.74
CA VAL A 112 -16.72 -6.57 1.75
C VAL A 112 -15.91 -6.00 0.58
N THR A 113 -14.79 -6.66 0.28
CA THR A 113 -13.93 -6.27 -0.83
C THR A 113 -13.57 -7.45 -1.72
N GLU A 114 -12.89 -7.17 -2.83
CA GLU A 114 -12.36 -8.24 -3.63
C GLU A 114 -11.39 -9.05 -2.77
N TYR A 115 -11.22 -10.31 -3.12
CA TYR A 115 -10.34 -11.22 -2.41
C TYR A 115 -8.93 -11.13 -3.00
N MET A 116 -7.94 -10.94 -2.15
CA MET A 116 -6.54 -10.84 -2.58
C MET A 116 -5.81 -12.07 -2.02
N GLU A 117 -5.68 -13.10 -2.84
CA GLU A 117 -5.24 -14.42 -2.35
C GLU A 117 -3.86 -14.43 -1.69
N ASN A 118 -2.95 -13.59 -2.15
CA ASN A 118 -1.58 -13.65 -1.62
C ASN A 118 -1.30 -12.64 -0.51
N GLY A 119 -2.33 -11.99 0.00
CA GLY A 119 -2.22 -11.24 1.24
C GLY A 119 -1.39 -9.98 1.12
N SER A 120 -0.88 -9.51 2.26
N SER A 120 -0.89 -9.51 2.25
CA SER A 120 -0.03 -8.32 2.30
CA SER A 120 -0.05 -8.31 2.28
C SER A 120 1.27 -8.57 1.55
C SER A 120 1.27 -8.55 1.56
N LEU A 121 1.74 -7.55 0.83
CA LEU A 121 2.91 -7.68 -0.02
C LEU A 121 4.21 -7.97 0.72
N ASP A 122 4.42 -7.36 1.89
CA ASP A 122 5.68 -7.58 2.61
C ASP A 122 5.76 -9.04 3.14
N SER A 123 4.67 -9.58 3.66
CA SER A 123 4.68 -10.97 4.12
C SER A 123 4.81 -11.94 2.93
N PHE A 124 4.12 -11.64 1.81
CA PHE A 124 4.28 -12.45 0.61
C PHE A 124 5.72 -12.47 0.10
N LEU A 125 6.34 -11.31 -0.02
CA LEU A 125 7.73 -11.27 -0.53
C LEU A 125 8.72 -11.98 0.40
N ARG A 126 8.49 -11.93 1.71
CA ARG A 126 9.36 -12.61 2.69
C ARG A 126 9.40 -14.12 2.49
N LYS A 127 8.32 -14.68 1.94
CA LYS A 127 8.24 -16.11 1.70
C LYS A 127 8.99 -16.50 0.43
N HIS A 128 9.32 -15.51 -0.39
CA HIS A 128 9.85 -15.78 -1.71
C HIS A 128 11.14 -15.04 -2.02
N ASP A 129 12.02 -14.93 -1.03
CA ASP A 129 13.25 -14.15 -1.18
C ASP A 129 14.05 -14.54 -2.42
N ALA A 130 14.32 -13.53 -3.26
CA ALA A 130 15.10 -13.68 -4.50
C ALA A 130 14.46 -14.63 -5.51
N GLN A 131 13.17 -14.90 -5.38
CA GLN A 131 12.55 -15.89 -6.28
C GLN A 131 11.84 -15.29 -7.49
N PHE A 132 11.71 -13.97 -7.55
CA PHE A 132 11.04 -13.34 -8.69
C PHE A 132 12.06 -12.66 -9.60
N THR A 133 11.67 -12.47 -10.85
CA THR A 133 12.50 -11.71 -11.79
C THR A 133 12.37 -10.23 -11.51
N VAL A 134 13.37 -9.46 -11.94
CA VAL A 134 13.30 -8.01 -11.78
C VAL A 134 12.04 -7.48 -12.48
N ILE A 135 11.78 -7.99 -13.68
CA ILE A 135 10.58 -7.56 -14.42
C ILE A 135 9.29 -7.84 -13.62
N GLN A 136 9.21 -9.00 -12.98
CA GLN A 136 8.06 -9.31 -12.14
C GLN A 136 7.90 -8.27 -11.02
N LEU A 137 9.00 -7.96 -10.35
CA LEU A 137 8.97 -6.98 -9.27
C LEU A 137 8.57 -5.60 -9.78
N VAL A 138 9.05 -5.24 -10.97
CA VAL A 138 8.74 -3.95 -11.55
C VAL A 138 7.24 -3.85 -11.87
N GLY A 139 6.67 -4.95 -12.36
CA GLY A 139 5.22 -5.05 -12.58
C GLY A 139 4.44 -4.72 -11.32
N MET A 140 4.82 -5.36 -10.22
CA MET A 140 4.26 -5.06 -8.90
C MET A 140 4.38 -3.59 -8.57
N LEU A 141 5.59 -3.06 -8.73
CA LEU A 141 5.86 -1.66 -8.38
C LEU A 141 5.08 -0.68 -9.25
N ARG A 142 4.82 -1.07 -10.50
CA ARG A 142 4.10 -0.22 -11.43
C ARG A 142 2.64 -0.12 -11.01
N GLY A 143 2.06 -1.27 -10.63
CA GLY A 143 0.69 -1.30 -10.16
C GLY A 143 0.47 -0.39 -8.96
N ILE A 144 1.36 -0.49 -7.97
CA ILE A 144 1.28 0.35 -6.77
C ILE A 144 1.31 1.85 -7.16
N ALA A 145 2.23 2.21 -8.04
CA ALA A 145 2.42 3.61 -8.46
C ALA A 145 1.19 4.12 -9.21
N SER A 146 0.60 3.25 -10.03
CA SER A 146 -0.59 3.61 -10.78
C SER A 146 -1.77 3.86 -9.83
N GLY A 147 -1.94 3.00 -8.83
CA GLY A 147 -2.96 3.23 -7.82
C GLY A 147 -2.76 4.57 -7.11
N MET A 148 -1.51 4.85 -6.77
CA MET A 148 -1.18 6.08 -6.04
C MET A 148 -1.33 7.31 -6.92
N LYS A 149 -1.07 7.14 -8.21
CA LYS A 149 -1.32 8.19 -9.18
C LYS A 149 -2.80 8.57 -9.14
N TYR A 150 -3.68 7.56 -9.13
CA TYR A 150 -5.12 7.81 -9.06
C TYR A 150 -5.48 8.43 -7.72
N LEU A 151 -4.98 7.85 -6.64
CA LEU A 151 -5.28 8.33 -5.30
C LEU A 151 -4.91 9.81 -5.14
N SER A 152 -3.76 10.20 -5.68
CA SER A 152 -3.32 11.59 -5.57
C SER A 152 -4.14 12.50 -6.50
N ASP A 153 -4.49 11.98 -7.68
CA ASP A 153 -5.36 12.68 -8.61
C ASP A 153 -6.68 13.06 -7.95
N MET A 154 -7.13 12.21 -7.03
CA MET A 154 -8.40 12.38 -6.34
C MET A 154 -8.29 13.23 -5.06
N GLY A 155 -7.14 13.82 -4.80
CA GLY A 155 -6.98 14.71 -3.67
C GLY A 155 -6.75 14.06 -2.31
N TYR A 156 -6.38 12.79 -2.31
CA TYR A 156 -6.19 12.06 -1.06
C TYR A 156 -4.74 11.88 -0.76
N VAL A 157 -4.36 12.16 0.48
CA VAL A 157 -3.04 11.78 0.94
C VAL A 157 -3.19 10.58 1.84
N HIS A 158 -2.53 9.48 1.47
CA HIS A 158 -2.65 8.21 2.16
C HIS A 158 -2.04 8.26 3.56
N ARG A 159 -0.78 8.70 3.63
CA ARG A 159 -0.02 8.89 4.89
C ARG A 159 0.49 7.59 5.50
N ASP A 160 0.03 6.46 5.00
CA ASP A 160 0.46 5.18 5.59
C ASP A 160 0.79 4.20 4.48
N LEU A 161 1.43 4.73 3.43
CA LEU A 161 1.83 3.89 2.31
C LEU A 161 3.04 3.05 2.69
N ALA A 162 2.83 1.74 2.71
CA ALA A 162 3.83 0.79 3.17
C ALA A 162 3.51 -0.56 2.55
N ALA A 163 4.52 -1.41 2.41
CA ALA A 163 4.30 -2.74 1.82
C ALA A 163 3.21 -3.54 2.54
N ARG A 164 3.13 -3.38 3.86
CA ARG A 164 2.14 -4.09 4.65
C ARG A 164 0.70 -3.68 4.33
N ASN A 165 0.56 -2.51 3.71
CA ASN A 165 -0.75 -1.98 3.36
C ASN A 165 -1.06 -2.15 1.88
N ILE A 166 -0.17 -2.86 1.19
CA ILE A 166 -0.41 -3.26 -0.19
C ILE A 166 -0.85 -4.71 -0.20
N LEU A 167 -1.95 -5.04 -0.89
CA LEU A 167 -2.35 -6.44 -1.04
C LEU A 167 -2.01 -6.94 -2.43
N ILE A 168 -1.81 -8.24 -2.57
CA ILE A 168 -1.39 -8.79 -3.86
C ILE A 168 -2.25 -10.02 -4.16
N ASN A 169 -2.74 -10.14 -5.39
CA ASN A 169 -3.72 -11.18 -5.66
C ASN A 169 -3.10 -12.40 -6.32
N SER A 170 -3.93 -13.32 -6.79
CA SER A 170 -3.44 -14.59 -7.30
C SER A 170 -2.56 -14.38 -8.52
N ASN A 171 -2.79 -13.29 -9.25
CA ASN A 171 -1.99 -13.02 -10.45
C ASN A 171 -0.90 -11.97 -10.23
N LEU A 172 -0.55 -11.73 -8.97
CA LEU A 172 0.53 -10.81 -8.58
C LEU A 172 0.20 -9.34 -8.80
N VAL A 173 -1.07 -9.03 -9.05
CA VAL A 173 -1.48 -7.62 -9.18
C VAL A 173 -1.52 -7.01 -7.79
N CYS A 174 -0.84 -5.87 -7.60
CA CYS A 174 -0.77 -5.21 -6.30
C CYS A 174 -1.72 -4.02 -6.22
N LYS A 175 -2.36 -3.86 -5.06
CA LYS A 175 -3.39 -2.84 -4.88
C LYS A 175 -3.22 -2.13 -3.56
N VAL A 176 -3.36 -0.82 -3.60
CA VAL A 176 -3.28 -0.02 -2.37
C VAL A 176 -4.50 -0.35 -1.52
N SER A 177 -4.28 -0.52 -0.23
N SER A 177 -4.27 -0.53 -0.23
CA SER A 177 -5.39 -0.71 0.70
CA SER A 177 -5.33 -0.79 0.73
C SER A 177 -5.14 0.01 2.02
C SER A 177 -5.13 0.00 2.02
N ASP A 178 -5.96 -0.31 3.01
CA ASP A 178 -5.88 0.29 4.34
C ASP A 178 -5.97 1.81 4.29
N PHE A 179 -7.19 2.31 4.27
CA PHE A 179 -7.38 3.75 4.21
C PHE A 179 -7.75 4.32 5.58
N GLY A 180 -7.22 3.68 6.62
CA GLY A 180 -7.45 4.12 7.99
C GLY A 180 -6.94 5.53 8.29
N LEU A 181 -5.67 5.79 7.96
CA LEU A 181 -5.06 7.09 8.23
C LEU A 181 -5.19 8.08 7.07
N SER A 182 -5.88 7.67 6.01
CA SER A 182 -5.99 8.46 4.79
C SER A 182 -6.81 9.73 5.01
N ARG A 183 -6.38 10.84 4.41
CA ARG A 183 -7.07 12.11 4.60
C ARG A 183 -7.23 12.94 3.32
N VAL A 184 -8.34 13.66 3.24
CA VAL A 184 -8.50 14.64 2.18
C VAL A 184 -7.54 15.80 2.43
N LEU A 185 -6.91 16.27 1.35
CA LEU A 185 -6.08 17.46 1.39
C LEU A 185 -6.93 18.70 1.61
N PRO A 201 3.78 6.42 11.54
CA PRO A 201 4.70 5.35 11.15
C PRO A 201 6.00 5.92 10.60
N ILE A 202 6.93 6.18 11.51
CA ILE A 202 8.15 6.93 11.24
C ILE A 202 8.95 6.45 10.04
N ARG A 203 9.16 5.14 9.94
CA ARG A 203 9.99 4.54 8.89
C ARG A 203 9.53 4.85 7.47
N TRP A 204 8.22 5.08 7.29
CA TRP A 204 7.65 5.30 5.97
C TRP A 204 7.32 6.76 5.70
N THR A 205 7.52 7.61 6.71
CA THR A 205 7.09 9.02 6.64
C THR A 205 8.21 9.99 6.22
N SER A 206 7.87 10.96 5.38
CA SER A 206 8.87 11.90 4.87
C SER A 206 9.41 12.76 6.02
N PRO A 207 10.62 13.30 5.85
CA PRO A 207 11.22 14.17 6.87
C PRO A 207 10.32 15.35 7.24
N GLU A 208 9.78 16.02 6.23
CA GLU A 208 8.96 17.20 6.49
C GLU A 208 7.65 16.83 7.20
N ALA A 209 7.11 15.64 6.92
CA ALA A 209 5.88 15.20 7.58
C ALA A 209 6.18 14.83 9.02
N ILE A 210 7.35 14.26 9.25
CA ILE A 210 7.79 14.00 10.62
C ILE A 210 8.04 15.31 11.37
N ALA A 211 8.73 16.24 10.71
CA ALA A 211 9.18 17.46 11.39
C ALA A 211 8.02 18.32 11.82
N TYR A 212 7.05 18.54 10.92
CA TYR A 212 5.90 19.38 11.28
C TYR A 212 4.61 19.02 10.54
N ARG A 213 4.39 17.72 10.35
CA ARG A 213 3.14 17.19 9.80
C ARG A 213 2.77 17.83 8.48
N LYS A 214 3.77 18.07 7.65
CA LYS A 214 3.52 18.52 6.29
C LYS A 214 3.25 17.31 5.38
N PHE A 215 2.00 16.89 5.31
CA PHE A 215 1.62 15.78 4.44
C PHE A 215 1.10 16.30 3.10
N THR A 216 1.75 15.88 2.02
CA THR A 216 1.33 16.20 0.67
C THR A 216 1.40 14.92 -0.16
N SER A 217 1.05 15.00 -1.43
CA SER A 217 1.23 13.83 -2.28
C SER A 217 2.72 13.55 -2.43
N ALA A 218 3.54 14.60 -2.29
CA ALA A 218 4.99 14.44 -2.35
C ALA A 218 5.53 13.67 -1.14
N SER A 219 4.81 13.70 -0.02
CA SER A 219 5.25 12.88 1.11
C SER A 219 4.79 11.44 0.91
N ASP A 220 3.73 11.24 0.11
CA ASP A 220 3.34 9.88 -0.29
C ASP A 220 4.39 9.31 -1.23
N VAL A 221 4.94 10.17 -2.09
CA VAL A 221 6.01 9.70 -2.98
C VAL A 221 7.23 9.24 -2.18
N TRP A 222 7.58 9.98 -1.13
CA TRP A 222 8.64 9.51 -0.23
C TRP A 222 8.33 8.10 0.25
N SER A 223 7.10 7.90 0.73
CA SER A 223 6.66 6.62 1.23
C SER A 223 6.77 5.55 0.13
N TYR A 224 6.40 5.93 -1.09
CA TYR A 224 6.52 5.02 -2.22
C TYR A 224 7.97 4.57 -2.40
N GLY A 225 8.90 5.50 -2.19
CA GLY A 225 10.32 5.18 -2.31
C GLY A 225 10.69 4.13 -1.27
N ILE A 226 10.11 4.24 -0.09
CA ILE A 226 10.33 3.20 0.92
C ILE A 226 9.72 1.87 0.47
N VAL A 227 8.51 1.91 -0.08
CA VAL A 227 7.87 0.68 -0.57
C VAL A 227 8.74 0.00 -1.64
N LEU A 228 9.29 0.82 -2.51
CA LEU A 228 10.17 0.35 -3.57
C LEU A 228 11.37 -0.39 -2.96
N TRP A 229 11.94 0.17 -1.90
CA TRP A 229 13.04 -0.48 -1.21
C TRP A 229 12.57 -1.81 -0.59
N GLU A 230 11.37 -1.80 0.00
CA GLU A 230 10.83 -3.02 0.60
C GLU A 230 10.66 -4.12 -0.42
N VAL A 231 10.17 -3.76 -1.60
CA VAL A 231 9.93 -4.74 -2.63
C VAL A 231 11.27 -5.31 -3.10
N MET A 232 12.22 -4.44 -3.44
CA MET A 232 13.51 -4.94 -3.94
C MET A 232 14.28 -5.70 -2.83
N SER A 233 13.88 -5.49 -1.59
CA SER A 233 14.48 -6.19 -0.44
C SER A 233 13.68 -7.42 -0.04
N TYR A 234 12.66 -7.77 -0.84
CA TYR A 234 11.79 -8.87 -0.50
C TYR A 234 11.26 -8.79 0.94
N GLY A 235 10.83 -7.61 1.35
CA GLY A 235 10.09 -7.50 2.60
C GLY A 235 10.96 -7.33 3.83
N GLU A 236 12.20 -6.90 3.65
CA GLU A 236 12.99 -6.46 4.80
C GLU A 236 12.37 -5.18 5.39
N ARG A 237 12.48 -5.03 6.70
CA ARG A 237 11.97 -3.86 7.40
C ARG A 237 12.82 -2.63 7.11
N PRO A 238 12.17 -1.53 6.67
CA PRO A 238 12.89 -0.27 6.51
C PRO A 238 13.64 0.11 7.77
N TYR A 239 14.94 0.37 7.63
CA TYR A 239 15.81 0.78 8.74
C TYR A 239 15.92 -0.31 9.81
N TRP A 240 15.50 -1.52 9.48
CA TRP A 240 15.64 -2.67 10.38
C TRP A 240 15.08 -2.34 11.76
N GLU A 241 15.87 -2.50 12.83
CA GLU A 241 15.34 -2.16 14.15
C GLU A 241 16.02 -0.93 14.76
N MET A 242 16.51 -0.03 13.92
CA MET A 242 17.07 1.24 14.42
C MET A 242 16.05 1.94 15.33
N SER A 243 16.53 2.57 16.40
CA SER A 243 15.63 3.34 17.25
C SER A 243 15.00 4.45 16.40
N ASN A 244 13.74 4.78 16.70
CA ASN A 244 13.00 5.79 15.97
C ASN A 244 13.76 7.11 15.90
N GLN A 245 14.39 7.48 17.00
CA GLN A 245 15.11 8.76 17.11
C GLN A 245 16.25 8.82 16.11
N ASP A 246 16.88 7.67 15.86
CA ASP A 246 18.00 7.61 14.94
C ASP A 246 17.55 7.57 13.48
N VAL A 247 16.41 6.96 13.22
CA VAL A 247 15.82 6.99 11.87
C VAL A 247 15.54 8.44 11.45
N ILE A 248 14.89 9.18 12.34
CA ILE A 248 14.61 10.60 12.12
C ILE A 248 15.90 11.41 11.90
N LYS A 249 16.86 11.23 12.80
CA LYS A 249 18.09 12.01 12.75
C LYS A 249 18.94 11.67 11.52
N ALA A 250 19.09 10.38 11.23
CA ALA A 250 19.91 9.94 10.10
C ALA A 250 19.37 10.46 8.77
N VAL A 251 18.06 10.29 8.58
CA VAL A 251 17.42 10.70 7.33
C VAL A 251 17.57 12.21 7.15
N ASP A 252 17.28 12.95 8.21
CA ASP A 252 17.46 14.39 8.18
C ASP A 252 18.90 14.77 7.81
N GLU A 253 19.89 14.04 8.34
CA GLU A 253 21.28 14.34 8.03
C GLU A 253 21.64 13.93 6.59
N GLY A 254 20.70 13.32 5.88
CA GLY A 254 20.92 12.99 4.49
C GLY A 254 21.25 11.53 4.21
N TYR A 255 21.26 10.72 5.25
CA TYR A 255 21.50 9.30 5.07
C TYR A 255 20.28 8.61 4.47
N ARG A 256 20.52 7.60 3.65
CA ARG A 256 19.45 6.87 2.97
C ARG A 256 19.67 5.36 3.07
N LEU A 257 18.58 4.62 3.00
CA LEU A 257 18.66 3.16 2.92
C LEU A 257 19.59 2.77 1.79
N PRO A 258 20.43 1.75 2.03
CA PRO A 258 21.41 1.26 1.05
C PRO A 258 20.75 0.44 -0.04
N PRO A 259 21.45 0.22 -1.17
CA PRO A 259 20.81 -0.55 -2.24
C PRO A 259 20.55 -1.99 -1.82
N PRO A 260 19.34 -2.51 -2.08
CA PRO A 260 19.07 -3.92 -1.78
C PRO A 260 19.99 -4.82 -2.60
N MET A 261 20.23 -6.04 -2.14
CA MET A 261 21.09 -6.97 -2.88
C MET A 261 20.64 -7.16 -4.34
N ASP A 262 21.60 -7.02 -5.25
CA ASP A 262 21.38 -7.17 -6.69
C ASP A 262 20.33 -6.19 -7.24
N CYS A 263 20.15 -5.05 -6.60
CA CYS A 263 19.20 -4.06 -7.06
C CYS A 263 19.72 -3.32 -8.28
N PRO A 264 18.96 -3.32 -9.39
CA PRO A 264 19.32 -2.53 -10.57
C PRO A 264 19.54 -1.06 -10.21
N ALA A 265 20.56 -0.44 -10.81
CA ALA A 265 20.89 0.96 -10.56
C ALA A 265 19.68 1.86 -10.81
N ALA A 266 18.90 1.51 -11.82
CA ALA A 266 17.76 2.35 -12.19
C ALA A 266 16.74 2.40 -11.06
N LEU A 267 16.54 1.27 -10.39
CA LEU A 267 15.55 1.20 -9.33
C LEU A 267 16.08 1.83 -8.05
N TYR A 268 17.38 1.67 -7.79
CA TYR A 268 17.94 2.33 -6.62
C TYR A 268 17.92 3.85 -6.80
N GLN A 269 18.27 4.32 -7.99
CA GLN A 269 18.22 5.76 -8.21
C GLN A 269 16.79 6.29 -8.07
N LEU A 270 15.80 5.51 -8.49
CA LEU A 270 14.41 5.93 -8.32
C LEU A 270 14.03 6.07 -6.83
N MET A 271 14.51 5.16 -5.99
CA MET A 271 14.38 5.33 -4.54
C MET A 271 14.97 6.67 -4.08
N LEU A 272 16.18 6.97 -4.55
CA LEU A 272 16.86 8.20 -4.15
C LEU A 272 16.10 9.44 -4.59
N ASP A 273 15.59 9.42 -5.82
CA ASP A 273 14.76 10.51 -6.33
C ASP A 273 13.53 10.73 -5.44
N CYS A 274 12.88 9.63 -5.07
CA CYS A 274 11.72 9.66 -4.18
C CYS A 274 12.09 10.21 -2.82
N TRP A 275 13.33 9.96 -2.40
CA TRP A 275 13.82 10.43 -1.11
C TRP A 275 14.56 11.77 -1.18
N GLN A 276 14.23 12.63 -2.15
CA GLN A 276 14.89 13.94 -2.20
C GLN A 276 14.50 14.76 -0.97
N LYS A 277 15.47 15.43 -0.37
CA LYS A 277 15.18 16.27 0.80
C LYS A 277 14.13 17.33 0.47
N ASP A 278 14.27 17.94 -0.70
CA ASP A 278 13.32 18.93 -1.18
C ASP A 278 12.14 18.20 -1.84
N ARG A 279 10.96 18.23 -1.22
CA ARG A 279 9.80 17.49 -1.72
C ARG A 279 9.39 17.91 -3.13
N ASN A 280 9.49 19.22 -3.38
CA ASN A 280 9.54 19.81 -4.75
C ASN A 280 10.42 19.09 -5.79
N ASN A 281 11.47 18.42 -5.34
CA ASN A 281 12.32 17.77 -6.28
C ASN A 281 11.99 16.30 -6.53
N ARG A 282 11.04 15.76 -5.77
CA ARG A 282 10.62 14.37 -5.97
C ARG A 282 9.74 14.27 -7.21
N PRO A 283 9.84 13.14 -7.93
CA PRO A 283 8.96 12.96 -9.10
C PRO A 283 7.50 12.86 -8.67
N LYS A 284 6.58 13.18 -9.59
CA LYS A 284 5.16 12.95 -9.37
C LYS A 284 4.87 11.48 -9.64
N PHE A 285 3.73 10.99 -9.15
CA PHE A 285 3.40 9.59 -9.37
C PHE A 285 3.26 9.26 -10.85
N GLU A 286 2.80 10.23 -11.64
CA GLU A 286 2.68 10.00 -13.08
C GLU A 286 4.03 9.73 -13.73
N GLN A 287 5.05 10.44 -13.26
CA GLN A 287 6.42 10.25 -13.74
C GLN A 287 6.99 8.90 -13.29
N ILE A 288 6.65 8.51 -12.06
CA ILE A 288 7.06 7.21 -11.56
C ILE A 288 6.49 6.09 -12.43
N VAL A 289 5.20 6.20 -12.74
CA VAL A 289 4.56 5.22 -13.60
C VAL A 289 5.27 5.18 -14.97
N SER A 290 5.59 6.36 -15.50
CA SER A 290 6.28 6.48 -16.78
C SER A 290 7.66 5.82 -16.73
N ILE A 291 8.37 6.08 -15.65
CA ILE A 291 9.69 5.47 -15.46
C ILE A 291 9.59 3.96 -15.43
N LEU A 292 8.58 3.43 -14.74
CA LEU A 292 8.48 1.99 -14.60
C LEU A 292 7.98 1.35 -15.89
N ASP A 293 7.14 2.06 -16.64
CA ASP A 293 6.70 1.57 -17.94
C ASP A 293 7.88 1.41 -18.90
N LYS A 294 8.85 2.31 -18.82
CA LYS A 294 10.07 2.20 -19.64
C LYS A 294 10.95 1.02 -19.22
N LEU A 295 11.12 0.80 -17.92
CA LEU A 295 11.94 -0.30 -17.42
C LEU A 295 11.32 -1.65 -17.77
N ILE A 296 9.99 -1.70 -17.77
CA ILE A 296 9.25 -2.91 -18.17
C ILE A 296 9.49 -3.21 -19.64
N ARG A 297 9.56 -2.15 -20.45
CA ARG A 297 9.64 -2.26 -21.90
C ARG A 297 10.97 -2.80 -22.38
N ASN A 298 12.04 -2.44 -21.67
CA ASN A 298 13.38 -2.87 -22.05
C ASN A 298 14.11 -3.45 -20.85
N PRO A 299 13.88 -4.74 -20.57
CA PRO A 299 14.53 -5.48 -19.47
C PRO A 299 16.06 -5.39 -19.52
N GLY A 300 16.63 -4.93 -20.63
CA GLY A 300 18.05 -4.72 -20.71
C GLY A 300 18.49 -3.52 -19.89
N SER A 301 17.55 -2.62 -19.63
CA SER A 301 17.81 -1.47 -18.78
C SER A 301 18.36 -1.91 -17.42
N LEU A 302 17.71 -2.92 -16.87
CA LEU A 302 17.90 -3.31 -15.48
C LEU A 302 19.20 -4.07 -15.20
N LYS A 303 20.06 -4.19 -16.21
CA LYS A 303 21.22 -5.07 -16.11
C LYS A 303 22.39 -4.41 -15.38
N ILE A 304 22.42 -3.08 -15.36
CA ILE A 304 23.39 -2.38 -14.53
C ILE A 304 23.01 -2.53 -13.06
N ILE A 305 23.92 -3.11 -12.27
CA ILE A 305 23.69 -3.33 -10.85
C ILE A 305 24.52 -2.33 -10.04
N THR A 306 24.00 -1.90 -8.90
CA THR A 306 24.71 -0.94 -8.06
C THR A 306 25.99 -1.53 -7.47
N PRO A 312 31.38 3.16 4.47
CA PRO A 312 31.74 3.52 5.86
C PRO A 312 30.57 3.40 6.85
N SER A 313 29.35 3.21 6.37
CA SER A 313 28.19 3.02 7.25
C SER A 313 27.12 2.13 6.59
N ASN A 314 26.13 1.69 7.36
CA ASN A 314 25.07 0.83 6.81
C ASN A 314 24.07 1.64 5.96
N LEU A 315 23.70 2.82 6.45
CA LEU A 315 23.00 3.80 5.64
C LEU A 315 24.02 4.52 4.77
N LEU A 316 23.62 4.95 3.59
CA LEU A 316 24.52 5.68 2.70
C LEU A 316 24.23 7.16 2.72
N LEU A 317 25.29 7.97 2.70
CA LEU A 317 25.11 9.42 2.70
C LEU A 317 24.92 9.97 1.28
N ASP A 318 23.66 10.12 0.87
CA ASP A 318 23.31 10.67 -0.45
C ASP A 318 23.57 12.19 -0.49
N GLN A 319 24.64 12.57 -1.18
CA GLN A 319 25.12 13.95 -1.21
C GLN A 319 24.17 14.92 -1.92
N SER A 320 23.26 14.39 -2.72
CA SER A 320 22.40 15.22 -3.57
C SER A 320 21.53 16.18 -2.77
#